data_2GND
#
_entry.id   2GND
#
_cell.length_a   56.850
_cell.length_b   83.370
_cell.length_c   123.437
_cell.angle_alpha   90.00
_cell.angle_beta   90.00
_cell.angle_gamma   90.00
#
_symmetry.space_group_name_H-M   'P 21 21 21'
#
loop_
_entity.id
_entity.type
_entity.pdbx_description
1 polymer lectin
2 branched 'alpha-D-mannopyranose-(1-3)-methyl alpha-D-mannopyranoside'
3 non-polymer 'MANGANESE (II) ION'
4 non-polymer 'CALCIUM ION'
5 non-polymer alpha-D-mannopyranose
6 water water
#
_entity_poly.entity_id   1
_entity_poly.type   'polypeptide(L)'
_entity_poly.pdbx_seq_one_letter_code
;(PCA)DSLSFGFPTFPSDQKNLIFQGDAQIKNNAVQLTKTDSNGNPVASTVGRILFSAQVHLWEKSSSRVANFQSQFSFS
LKSPLSNGADGIAFFIAPPDTTIPSGSGGGLLGLFAPGTAQNTSANQVIAVEFDTFYAQDSNTWDPNYPHIGIDVNSIRS
VKTVKWDRRDGQSLNVLVTFNPSTRNLDVVATYSDGTRYEVSYEVDVRSVLPEWVRVGFSAASGEQYQTHTLESWSFTST
LLYTAQKKGENLALEM
;
_entity_poly.pdbx_strand_id   A,B
#
loop_
_chem_comp.id
_chem_comp.type
_chem_comp.name
_chem_comp.formula
CA non-polymer 'CALCIUM ION' 'Ca 2'
MAN D-saccharide, alpha linking alpha-D-mannopyranose 'C6 H12 O6'
MMA D-saccharide 'methyl alpha-D-mannopyranoside' 'C7 H14 O6'
MN non-polymer 'MANGANESE (II) ION' 'Mn 2'
#
# COMPACT_ATOMS: atom_id res chain seq x y z
N PCA A 1 -6.17 -0.63 -6.77
CA PCA A 1 -6.03 0.83 -7.10
CB PCA A 1 -5.24 1.47 -5.97
CG PCA A 1 -4.51 0.37 -5.32
CD PCA A 1 -5.24 -0.92 -5.63
OE PCA A 1 -4.85 -2.00 -5.19
C PCA A 1 -5.28 1.04 -8.42
O PCA A 1 -4.42 0.25 -8.78
N ASP A 2 -5.64 2.12 -9.11
CA ASP A 2 -5.00 2.46 -10.37
C ASP A 2 -3.60 3.01 -10.10
N SER A 3 -3.43 3.67 -8.96
CA SER A 3 -2.12 4.24 -8.62
C SER A 3 -1.72 3.87 -7.20
N LEU A 4 -0.42 3.75 -6.96
CA LEU A 4 0.11 3.40 -5.66
C LEU A 4 1.50 4.00 -5.48
N SER A 5 1.76 4.55 -4.30
CA SER A 5 3.05 5.14 -3.97
C SER A 5 3.36 4.89 -2.52
N PHE A 6 4.64 4.72 -2.23
CA PHE A 6 5.09 4.53 -0.86
C PHE A 6 6.55 4.93 -0.80
N GLY A 7 6.96 5.49 0.33
CA GLY A 7 8.32 5.92 0.47
C GLY A 7 8.95 5.58 1.81
N PHE A 8 10.13 4.97 1.74
CA PHE A 8 10.89 4.62 2.92
C PHE A 8 12.18 5.43 2.93
N PRO A 9 12.17 6.62 3.56
CA PRO A 9 13.39 7.42 3.59
C PRO A 9 14.45 6.63 4.34
N THR A 10 14.01 5.88 5.36
CA THR A 10 14.89 5.03 6.16
C THR A 10 14.05 3.81 6.53
N PHE A 11 14.65 2.86 7.24
CA PHE A 11 13.94 1.65 7.63
C PHE A 11 13.92 1.36 9.12
N PRO A 12 12.99 1.99 9.87
CA PRO A 12 12.89 1.76 11.32
C PRO A 12 12.51 0.30 11.54
N SER A 13 12.88 -0.25 12.69
CA SER A 13 12.58 -1.66 12.98
C SER A 13 11.09 -1.94 13.18
N ASP A 14 10.29 -0.88 13.21
CA ASP A 14 8.84 -0.99 13.39
C ASP A 14 8.15 -1.09 12.03
N GLN A 15 8.26 -2.23 11.36
CA GLN A 15 7.64 -2.40 10.04
C GLN A 15 6.39 -3.26 10.06
N LYS A 16 5.39 -2.88 9.27
CA LYS A 16 4.14 -3.62 9.19
C LYS A 16 3.81 -4.06 7.77
N ASN A 17 4.33 -3.33 6.78
CA ASN A 17 4.03 -3.65 5.38
C ASN A 17 5.11 -4.33 4.56
N LEU A 18 6.12 -4.87 5.23
CA LEU A 18 7.18 -5.56 4.52
C LEU A 18 7.16 -7.06 4.78
N ILE A 19 7.31 -7.84 3.70
CA ILE A 19 7.38 -9.29 3.80
C ILE A 19 8.86 -9.64 3.77
N PHE A 20 9.34 -10.19 4.88
CA PHE A 20 10.74 -10.59 5.01
C PHE A 20 10.87 -12.06 4.70
N GLN A 21 11.82 -12.42 3.83
CA GLN A 21 12.04 -13.82 3.48
C GLN A 21 13.53 -14.13 3.67
N GLY A 22 13.82 -15.35 4.09
CA GLY A 22 15.22 -15.73 4.28
C GLY A 22 15.86 -15.04 5.47
N ASP A 23 17.05 -14.49 5.27
CA ASP A 23 17.77 -13.81 6.35
C ASP A 23 17.60 -12.31 6.45
N ALA A 24 16.70 -11.74 5.65
CA ALA A 24 16.51 -10.29 5.68
C ALA A 24 15.94 -9.77 7.00
N GLN A 25 16.48 -8.65 7.47
CA GLN A 25 16.00 -8.03 8.70
C GLN A 25 16.44 -6.58 8.81
N ILE A 26 15.77 -5.83 9.68
CA ILE A 26 16.09 -4.42 9.90
C ILE A 26 17.20 -4.30 10.94
N LYS A 27 18.16 -3.44 10.66
CA LYS A 27 19.28 -3.19 11.57
C LYS A 27 19.84 -1.80 11.29
N ASN A 28 19.84 -0.96 12.31
CA ASN A 28 20.37 0.40 12.18
C ASN A 28 19.60 1.21 11.13
N ASN A 29 18.28 1.12 11.17
CA ASN A 29 17.44 1.86 10.23
C ASN A 29 17.70 1.55 8.77
N ALA A 30 18.17 0.33 8.50
CA ALA A 30 18.44 -0.11 7.15
C ALA A 30 18.08 -1.58 7.07
N VAL A 31 17.82 -2.08 5.87
CA VAL A 31 17.48 -3.48 5.70
C VAL A 31 18.72 -4.30 5.33
N GLN A 32 19.09 -5.24 6.19
CA GLN A 32 20.22 -6.11 5.90
C GLN A 32 19.66 -7.34 5.20
N LEU A 33 19.76 -7.36 3.87
CA LEU A 33 19.24 -8.48 3.11
C LEU A 33 19.93 -9.79 3.41
N THR A 34 21.26 -9.75 3.57
CA THR A 34 22.02 -10.95 3.89
C THR A 34 22.44 -10.94 5.35
N LYS A 35 22.64 -12.13 5.90
CA LYS A 35 23.01 -12.32 7.30
C LYS A 35 24.39 -11.76 7.69
N THR A 36 24.46 -11.23 8.90
CA THR A 36 25.71 -10.67 9.44
C THR A 36 25.88 -11.22 10.85
N ASP A 37 27.13 -11.26 11.33
CA ASP A 37 27.39 -11.78 12.68
C ASP A 37 27.15 -10.75 13.78
N SER A 38 27.50 -11.13 14.99
CA SER A 38 27.34 -10.29 16.18
C SER A 38 27.90 -8.89 16.00
N ASN A 39 29.16 -8.83 15.57
CA ASN A 39 29.83 -7.55 15.36
C ASN A 39 29.45 -6.85 14.05
N GLY A 40 28.49 -7.42 13.32
CA GLY A 40 28.04 -6.81 12.09
C GLY A 40 28.74 -7.20 10.80
N ASN A 41 29.59 -8.22 10.84
CA ASN A 41 30.29 -8.64 9.63
C ASN A 41 29.52 -9.65 8.79
N PRO A 42 29.62 -9.54 7.46
CA PRO A 42 28.93 -10.44 6.54
C PRO A 42 29.38 -11.89 6.70
N VAL A 43 28.49 -12.82 6.42
CA VAL A 43 28.81 -14.25 6.51
C VAL A 43 28.47 -14.93 5.20
N ALA A 44 29.02 -16.13 4.99
CA ALA A 44 28.77 -16.88 3.77
C ALA A 44 27.45 -17.63 3.82
N SER A 45 27.05 -18.17 2.68
CA SER A 45 25.82 -18.94 2.55
C SER A 45 24.60 -18.29 3.19
N THR A 46 24.17 -17.17 2.62
CA THR A 46 23.01 -16.47 3.13
C THR A 46 22.19 -15.85 1.99
N VAL A 47 20.88 -15.87 2.13
CA VAL A 47 19.98 -15.29 1.14
C VAL A 47 18.87 -14.55 1.88
N GLY A 48 18.46 -13.41 1.33
CA GLY A 48 17.40 -12.64 1.97
C GLY A 48 16.65 -11.81 0.94
N ARG A 49 15.36 -11.59 1.19
CA ARG A 49 14.54 -10.79 0.28
C ARG A 49 13.44 -10.10 1.07
N ILE A 50 12.95 -8.98 0.53
CA ILE A 50 11.84 -8.26 1.14
C ILE A 50 10.90 -7.91 -0.01
N LEU A 51 9.61 -7.85 0.30
CA LEU A 51 8.58 -7.50 -0.67
C LEU A 51 7.60 -6.58 0.04
N PHE A 52 7.07 -5.60 -0.68
CA PHE A 52 6.08 -4.72 -0.08
C PHE A 52 4.78 -5.54 -0.08
N SER A 53 4.05 -5.51 1.02
CA SER A 53 2.82 -6.30 1.14
C SER A 53 1.76 -6.00 0.08
N ALA A 54 1.46 -4.72 -0.15
CA ALA A 54 0.45 -4.35 -1.14
C ALA A 54 0.84 -4.78 -2.55
N GLN A 55 -0.11 -5.39 -3.25
CA GLN A 55 0.11 -5.83 -4.61
C GLN A 55 0.02 -4.65 -5.57
N VAL A 56 0.85 -4.69 -6.60
CA VAL A 56 0.89 -3.63 -7.59
C VAL A 56 0.15 -4.05 -8.86
N HIS A 57 -0.71 -3.17 -9.37
CA HIS A 57 -1.46 -3.48 -10.59
C HIS A 57 -0.61 -3.00 -11.77
N LEU A 58 0.19 -3.92 -12.30
CA LEU A 58 1.10 -3.64 -13.40
C LEU A 58 0.42 -3.40 -14.74
N TRP A 59 -0.63 -4.18 -15.02
CA TRP A 59 -1.40 -4.00 -16.25
C TRP A 59 -2.80 -4.55 -16.07
N GLU A 60 -3.73 -3.98 -16.82
CA GLU A 60 -5.14 -4.37 -16.75
C GLU A 60 -5.59 -4.78 -18.14
N LYS A 61 -5.90 -6.07 -18.30
CA LYS A 61 -6.33 -6.60 -19.59
C LYS A 61 -7.60 -5.98 -20.14
N SER A 62 -8.64 -5.89 -19.33
CA SER A 62 -9.90 -5.33 -19.79
C SER A 62 -9.77 -3.90 -20.35
N SER A 63 -9.11 -3.02 -19.60
CA SER A 63 -8.96 -1.64 -20.04
C SER A 63 -7.83 -1.44 -21.03
N SER A 64 -7.03 -2.49 -21.24
CA SER A 64 -5.90 -2.42 -22.15
C SER A 64 -4.88 -1.37 -21.66
N ARG A 65 -4.75 -1.26 -20.35
CA ARG A 65 -3.81 -0.30 -19.77
C ARG A 65 -2.60 -0.97 -19.16
N VAL A 66 -1.48 -0.25 -19.19
CA VAL A 66 -0.22 -0.74 -18.63
C VAL A 66 0.31 0.34 -17.71
N ALA A 67 0.82 -0.07 -16.56
CA ALA A 67 1.36 0.88 -15.59
C ALA A 67 2.74 1.41 -15.95
N ASN A 68 2.99 2.65 -15.57
CA ASN A 68 4.29 3.23 -15.77
C ASN A 68 4.79 3.20 -14.32
N PHE A 69 6.06 2.88 -14.09
CA PHE A 69 6.52 2.85 -12.72
C PHE A 69 7.92 3.39 -12.56
N GLN A 70 8.22 3.78 -11.33
CA GLN A 70 9.52 4.33 -11.00
C GLN A 70 9.91 3.88 -9.61
N SER A 71 11.07 3.25 -9.51
CA SER A 71 11.59 2.79 -8.24
C SER A 71 12.92 3.46 -8.00
N GLN A 72 13.00 4.20 -6.93
CA GLN A 72 14.22 4.87 -6.51
C GLN A 72 14.74 4.31 -5.19
N PHE A 73 15.99 3.98 -5.12
CA PHE A 73 16.54 3.40 -3.92
C PHE A 73 18.05 3.53 -3.89
N SER A 74 18.64 3.31 -2.72
CA SER A 74 20.07 3.39 -2.61
C SER A 74 20.53 2.25 -1.71
N PHE A 75 21.72 1.71 -2.01
CA PHE A 75 22.28 0.63 -1.22
C PHE A 75 23.79 0.78 -1.15
N SER A 76 24.40 0.01 -0.26
CA SER A 76 25.85 0.01 -0.11
C SER A 76 26.26 -1.43 0.17
N LEU A 77 27.47 -1.78 -0.26
CA LEU A 77 28.01 -3.11 -0.08
C LEU A 77 29.32 -2.98 0.69
N LYS A 78 29.53 -3.84 1.67
CA LYS A 78 30.75 -3.78 2.47
C LYS A 78 31.25 -5.19 2.72
N SER A 79 32.56 -5.36 2.64
CA SER A 79 33.15 -6.67 2.86
C SER A 79 34.62 -6.56 3.27
N PRO A 80 35.04 -7.39 4.23
CA PRO A 80 36.41 -7.42 4.74
C PRO A 80 37.34 -7.87 3.62
N LEU A 81 36.79 -8.67 2.71
CA LEU A 81 37.54 -9.19 1.57
C LEU A 81 37.81 -8.07 0.56
N SER A 82 37.90 -8.45 -0.71
CA SER A 82 38.13 -7.50 -1.78
C SER A 82 37.09 -7.81 -2.85
N ASN A 83 36.93 -9.10 -3.12
CA ASN A 83 35.97 -9.58 -4.10
C ASN A 83 34.72 -10.13 -3.41
N GLY A 84 33.88 -9.23 -2.92
CA GLY A 84 32.66 -9.63 -2.25
C GLY A 84 31.61 -10.15 -3.22
N ALA A 85 30.72 -11.02 -2.73
CA ALA A 85 29.66 -11.61 -3.54
C ALA A 85 28.35 -11.64 -2.75
N ASP A 86 27.22 -11.84 -3.42
CA ASP A 86 27.14 -12.02 -4.86
C ASP A 86 26.44 -10.86 -5.55
N GLY A 87 25.73 -10.05 -4.77
CA GLY A 87 25.04 -8.93 -5.36
C GLY A 87 23.64 -8.72 -4.83
N ILE A 88 23.04 -7.61 -5.22
CA ILE A 88 21.69 -7.25 -4.81
C ILE A 88 20.86 -6.99 -6.06
N ALA A 89 19.57 -7.28 -5.98
CA ALA A 89 18.71 -7.09 -7.13
C ALA A 89 17.33 -6.58 -6.79
N PHE A 90 16.82 -5.68 -7.64
CA PHE A 90 15.47 -5.15 -7.51
C PHE A 90 14.64 -6.04 -8.43
N PHE A 91 13.53 -6.57 -7.94
CA PHE A 91 12.72 -7.40 -8.82
C PHE A 91 11.21 -7.24 -8.69
N ILE A 92 10.52 -7.72 -9.71
CA ILE A 92 9.06 -7.68 -9.80
C ILE A 92 8.69 -9.12 -10.12
N ALA A 93 7.72 -9.67 -9.41
CA ALA A 93 7.32 -11.06 -9.64
C ALA A 93 5.89 -11.32 -9.16
N PRO A 94 5.36 -12.53 -9.46
CA PRO A 94 3.99 -12.85 -9.02
C PRO A 94 3.92 -12.65 -7.51
N PRO A 95 2.73 -12.26 -7.00
CA PRO A 95 2.52 -12.01 -5.57
C PRO A 95 2.94 -13.10 -4.59
N ASP A 96 2.77 -14.36 -4.98
CA ASP A 96 3.10 -15.48 -4.10
C ASP A 96 4.55 -15.96 -4.20
N THR A 97 5.41 -15.15 -4.81
CA THR A 97 6.80 -15.53 -4.96
C THR A 97 7.50 -15.83 -3.63
N THR A 98 8.38 -16.83 -3.65
CA THR A 98 9.15 -17.24 -2.47
C THR A 98 10.56 -17.60 -2.93
N ILE A 99 11.49 -17.70 -1.99
CA ILE A 99 12.87 -18.04 -2.32
C ILE A 99 12.95 -19.47 -2.84
N PRO A 100 13.40 -19.65 -4.10
CA PRO A 100 13.51 -20.99 -4.70
C PRO A 100 14.61 -21.80 -4.00
N SER A 101 14.46 -23.11 -3.97
CA SER A 101 15.46 -23.98 -3.33
C SER A 101 16.78 -23.92 -4.11
N GLY A 102 17.88 -23.76 -3.39
CA GLY A 102 19.18 -23.69 -4.02
C GLY A 102 19.43 -22.43 -4.83
N SER A 103 18.67 -21.37 -4.57
CA SER A 103 18.83 -20.12 -5.31
C SER A 103 19.93 -19.22 -4.73
N GLY A 104 20.75 -19.77 -3.84
CA GLY A 104 21.81 -19.00 -3.23
C GLY A 104 22.93 -18.61 -4.18
N GLY A 105 23.94 -17.94 -3.64
CA GLY A 105 25.08 -17.53 -4.45
C GLY A 105 24.76 -16.68 -5.66
N GLY A 106 25.35 -17.04 -6.79
CA GLY A 106 25.14 -16.30 -8.03
C GLY A 106 23.73 -16.28 -8.59
N LEU A 107 22.84 -17.08 -8.01
CA LEU A 107 21.45 -17.09 -8.49
C LEU A 107 20.67 -15.98 -7.78
N LEU A 108 21.37 -15.28 -6.90
CA LEU A 108 20.83 -14.13 -6.18
C LEU A 108 19.51 -14.34 -5.43
N GLY A 109 19.11 -15.60 -5.22
CA GLY A 109 17.88 -15.87 -4.52
C GLY A 109 16.65 -15.67 -5.38
N LEU A 110 16.85 -15.60 -6.69
CA LEU A 110 15.76 -15.39 -7.62
C LEU A 110 15.41 -16.58 -8.50
N PHE A 111 16.40 -17.41 -8.82
CA PHE A 111 16.14 -18.56 -9.69
C PHE A 111 16.56 -19.88 -9.09
N ALA A 112 15.94 -20.94 -9.59
CA ALA A 112 16.26 -22.29 -9.16
C ALA A 112 17.39 -22.76 -10.06
N PRO A 113 18.36 -23.51 -9.50
CA PRO A 113 19.49 -23.99 -10.30
C PRO A 113 19.09 -24.64 -11.61
N GLY A 114 18.17 -25.60 -11.53
CA GLY A 114 17.73 -26.31 -12.72
C GLY A 114 17.02 -25.51 -13.78
N THR A 115 16.47 -24.36 -13.43
CA THR A 115 15.75 -23.57 -14.42
C THR A 115 16.21 -22.12 -14.52
N ALA A 116 17.35 -21.82 -13.90
CA ALA A 116 17.91 -20.48 -13.89
C ALA A 116 18.04 -19.81 -15.25
N GLN A 117 18.22 -20.61 -16.31
CA GLN A 117 18.35 -20.03 -17.64
C GLN A 117 17.23 -20.40 -18.60
N ASN A 118 16.15 -20.96 -18.06
CA ASN A 118 15.00 -21.36 -18.87
C ASN A 118 13.94 -20.26 -18.80
N THR A 119 13.91 -19.41 -19.81
CA THR A 119 12.97 -18.29 -19.86
C THR A 119 11.50 -18.65 -19.75
N SER A 120 11.12 -19.78 -20.33
CA SER A 120 9.73 -20.21 -20.29
C SER A 120 9.35 -20.82 -18.95
N ALA A 121 10.31 -20.93 -18.04
CA ALA A 121 10.04 -21.52 -16.73
C ALA A 121 10.05 -20.49 -15.60
N ASN A 122 10.23 -19.21 -15.93
CA ASN A 122 10.26 -18.17 -14.92
C ASN A 122 9.37 -16.98 -15.24
N GLN A 123 9.03 -16.23 -14.21
CA GLN A 123 8.21 -15.02 -14.33
C GLN A 123 8.85 -13.96 -13.45
N VAL A 124 9.86 -13.27 -13.97
CA VAL A 124 10.53 -12.27 -13.18
C VAL A 124 11.30 -11.25 -13.99
N ILE A 125 11.27 -10.02 -13.53
CA ILE A 125 12.04 -8.94 -14.15
C ILE A 125 12.85 -8.41 -12.97
N ALA A 126 14.17 -8.40 -13.14
CA ALA A 126 15.04 -7.92 -12.09
C ALA A 126 16.15 -7.05 -12.64
N VAL A 127 16.64 -6.15 -11.78
CA VAL A 127 17.74 -5.26 -12.11
C VAL A 127 18.78 -5.68 -11.10
N GLU A 128 19.79 -6.39 -11.58
CA GLU A 128 20.83 -6.91 -10.73
C GLU A 128 22.08 -6.04 -10.70
N PHE A 129 22.76 -6.05 -9.55
CA PHE A 129 24.02 -5.34 -9.35
C PHE A 129 24.92 -6.47 -8.90
N ASP A 130 25.56 -7.09 -9.89
CA ASP A 130 26.41 -8.25 -9.74
C ASP A 130 27.89 -7.96 -9.51
N THR A 131 28.42 -8.42 -8.38
CA THR A 131 29.82 -8.19 -8.06
C THR A 131 30.73 -9.40 -8.24
N PHE A 132 30.15 -10.58 -8.43
CA PHE A 132 30.95 -11.79 -8.57
C PHE A 132 30.69 -12.45 -9.92
N TYR A 133 31.75 -12.72 -10.67
CA TYR A 133 31.60 -13.29 -12.01
C TYR A 133 32.51 -14.45 -12.38
N ALA A 134 33.08 -15.14 -11.39
CA ALA A 134 33.97 -16.27 -11.67
C ALA A 134 33.29 -17.22 -12.65
N GLN A 135 33.92 -17.42 -13.80
CA GLN A 135 33.38 -18.27 -14.86
C GLN A 135 33.17 -19.74 -14.51
N ASP A 136 33.72 -20.21 -13.40
CA ASP A 136 33.54 -21.61 -13.02
C ASP A 136 32.16 -21.81 -12.40
N SER A 137 31.72 -20.84 -11.61
CA SER A 137 30.42 -20.91 -10.93
C SER A 137 29.33 -20.06 -11.60
N ASN A 138 29.69 -18.87 -12.08
CA ASN A 138 28.73 -17.99 -12.75
C ASN A 138 29.01 -17.95 -14.25
N THR A 139 28.93 -19.10 -14.90
CA THR A 139 29.21 -19.20 -16.33
C THR A 139 28.46 -18.20 -17.22
N TRP A 140 27.25 -17.84 -16.81
CA TRP A 140 26.41 -16.91 -17.57
C TRP A 140 26.85 -15.44 -17.55
N ASP A 141 27.73 -15.07 -16.63
CA ASP A 141 28.16 -13.66 -16.55
C ASP A 141 29.32 -13.26 -17.43
N PRO A 142 29.35 -11.96 -17.81
CA PRO A 142 30.45 -11.45 -18.63
C PRO A 142 31.55 -11.43 -17.56
N ASN A 143 32.83 -11.34 -17.93
CA ASN A 143 33.84 -11.35 -16.89
C ASN A 143 34.30 -10.00 -16.37
N TYR A 144 33.41 -9.40 -15.58
CA TYR A 144 33.64 -8.12 -14.92
C TYR A 144 32.37 -7.73 -14.18
N PRO A 145 32.50 -6.97 -13.08
CA PRO A 145 31.31 -6.56 -12.34
C PRO A 145 30.38 -5.82 -13.29
N HIS A 146 29.09 -5.85 -13.02
CA HIS A 146 28.15 -5.24 -13.93
C HIS A 146 26.75 -5.07 -13.36
N ILE A 147 25.97 -4.26 -14.05
CA ILE A 147 24.57 -4.03 -13.71
C ILE A 147 23.87 -4.74 -14.87
N GLY A 148 22.83 -5.50 -14.58
CA GLY A 148 22.14 -6.19 -15.64
C GLY A 148 20.63 -6.15 -15.52
N ILE A 149 19.96 -6.32 -16.65
CA ILE A 149 18.51 -6.38 -16.67
C ILE A 149 18.20 -7.86 -16.96
N ASP A 150 17.50 -8.50 -16.02
CA ASP A 150 17.17 -9.91 -16.14
C ASP A 150 15.68 -10.11 -16.42
N VAL A 151 15.39 -10.77 -17.53
CA VAL A 151 14.01 -11.06 -17.89
C VAL A 151 13.84 -12.59 -17.98
N ASN A 152 13.33 -13.18 -16.91
CA ASN A 152 13.10 -14.62 -16.79
C ASN A 152 14.35 -15.48 -16.85
N SER A 153 15.51 -14.88 -16.61
CA SER A 153 16.76 -15.61 -16.66
C SER A 153 17.90 -14.93 -15.91
N ILE A 154 18.79 -15.75 -15.34
CA ILE A 154 19.93 -15.21 -14.61
C ILE A 154 20.95 -14.64 -15.60
N ARG A 155 20.82 -15.00 -16.88
CA ARG A 155 21.71 -14.47 -17.90
C ARG A 155 21.05 -13.21 -18.42
N SER A 156 21.55 -12.06 -17.98
CA SER A 156 21.00 -10.76 -18.34
C SER A 156 20.82 -10.58 -19.85
N VAL A 157 19.72 -9.93 -20.24
CA VAL A 157 19.45 -9.67 -21.64
C VAL A 157 20.25 -8.44 -22.05
N LYS A 158 20.69 -7.67 -21.06
CA LYS A 158 21.47 -6.46 -21.31
C LYS A 158 22.29 -6.14 -20.07
N THR A 159 23.55 -5.75 -20.26
CA THR A 159 24.41 -5.41 -19.12
C THR A 159 25.29 -4.21 -19.43
N VAL A 160 25.87 -3.63 -18.39
CA VAL A 160 26.78 -2.51 -18.53
C VAL A 160 27.87 -2.70 -17.47
N LYS A 161 29.12 -2.44 -17.84
CA LYS A 161 30.20 -2.59 -16.88
C LYS A 161 29.92 -1.68 -15.69
N TRP A 162 30.20 -2.17 -14.50
CA TRP A 162 29.95 -1.40 -13.29
C TRP A 162 31.15 -1.52 -12.33
N ASP A 163 31.32 -0.52 -11.49
CA ASP A 163 32.42 -0.52 -10.53
C ASP A 163 31.88 -0.70 -9.12
N ARG A 164 32.41 -1.68 -8.40
CA ARG A 164 31.98 -1.90 -7.02
C ARG A 164 32.85 -1.04 -6.12
N ARG A 165 32.23 -0.28 -5.24
CA ARG A 165 32.98 0.57 -4.31
C ARG A 165 32.54 0.20 -2.90
N ASP A 166 33.44 -0.42 -2.15
CA ASP A 166 33.14 -0.84 -0.79
C ASP A 166 32.68 0.30 0.12
N GLY A 167 31.53 0.11 0.76
CA GLY A 167 30.99 1.11 1.68
C GLY A 167 30.44 2.39 1.08
N GLN A 168 30.30 2.45 -0.24
CA GLN A 168 29.78 3.66 -0.89
C GLN A 168 28.35 3.40 -1.32
N SER A 169 27.46 4.34 -0.99
CA SER A 169 26.04 4.22 -1.36
C SER A 169 25.86 4.45 -2.86
N LEU A 170 25.02 3.64 -3.48
CA LEU A 170 24.73 3.79 -4.89
C LEU A 170 23.28 4.22 -5.02
N ASN A 171 23.06 5.33 -5.72
CA ASN A 171 21.71 5.85 -5.92
C ASN A 171 21.19 5.30 -7.24
N VAL A 172 20.03 4.67 -7.18
CA VAL A 172 19.45 4.07 -8.37
C VAL A 172 18.05 4.54 -8.68
N LEU A 173 17.80 4.72 -9.97
CA LEU A 173 16.51 5.13 -10.49
C LEU A 173 16.11 4.14 -11.59
N VAL A 174 15.03 3.41 -11.36
CA VAL A 174 14.54 2.45 -12.34
C VAL A 174 13.16 2.93 -12.79
N THR A 175 12.99 3.09 -14.08
CA THR A 175 11.72 3.56 -14.62
C THR A 175 11.24 2.75 -15.81
N PHE A 176 9.94 2.51 -15.86
CA PHE A 176 9.37 1.79 -16.99
C PHE A 176 8.33 2.69 -17.65
N ASN A 177 8.52 2.97 -18.93
CA ASN A 177 7.60 3.80 -19.68
C ASN A 177 6.74 2.88 -20.55
N PRO A 178 5.44 2.75 -20.25
CA PRO A 178 4.55 1.87 -21.02
C PRO A 178 4.34 2.34 -22.47
N SER A 179 4.55 3.62 -22.72
CA SER A 179 4.39 4.18 -24.05
C SER A 179 5.50 3.76 -25.02
N THR A 180 6.72 3.65 -24.51
CA THR A 180 7.87 3.24 -25.32
C THR A 180 8.33 1.83 -24.97
N ARG A 181 7.82 1.32 -23.85
CA ARG A 181 8.16 0.00 -23.34
C ARG A 181 9.61 -0.10 -22.86
N ASN A 182 10.25 1.04 -22.65
CA ASN A 182 11.63 1.02 -22.17
C ASN A 182 11.73 0.95 -20.66
N LEU A 183 12.62 0.09 -20.19
CA LEU A 183 12.89 -0.06 -18.78
C LEU A 183 14.29 0.55 -18.66
N ASP A 184 14.38 1.74 -18.06
CA ASP A 184 15.66 2.43 -17.92
C ASP A 184 16.23 2.36 -16.51
N VAL A 185 17.55 2.19 -16.44
CA VAL A 185 18.24 2.13 -15.17
C VAL A 185 19.36 3.17 -15.12
N VAL A 186 19.31 4.03 -14.12
CA VAL A 186 20.32 5.06 -13.94
C VAL A 186 20.87 4.92 -12.52
N ALA A 187 22.17 4.64 -12.42
CA ALA A 187 22.83 4.47 -11.13
C ALA A 187 24.00 5.44 -11.03
N THR A 188 24.12 6.11 -9.88
CA THR A 188 25.19 7.07 -9.69
C THR A 188 25.78 7.09 -8.28
N TYR A 189 27.09 7.24 -8.19
CA TYR A 189 27.75 7.36 -6.89
C TYR A 189 27.75 8.86 -6.57
N SER A 190 27.95 9.20 -5.30
CA SER A 190 27.91 10.60 -4.87
C SER A 190 28.82 11.55 -5.65
N ASP A 191 29.94 11.05 -6.15
CA ASP A 191 30.88 11.88 -6.90
C ASP A 191 30.43 12.15 -8.31
N GLY A 192 29.25 11.65 -8.67
CA GLY A 192 28.75 11.87 -10.02
C GLY A 192 29.03 10.77 -11.04
N THR A 193 29.72 9.71 -10.64
CA THR A 193 30.00 8.63 -11.58
C THR A 193 28.65 7.99 -11.91
N ARG A 194 28.34 7.91 -13.20
CA ARG A 194 27.05 7.43 -13.67
C ARG A 194 27.05 6.18 -14.56
N TYR A 195 26.06 5.30 -14.38
CA TYR A 195 25.95 4.09 -15.19
C TYR A 195 24.52 4.00 -15.70
N GLU A 196 24.37 3.67 -16.98
CA GLU A 196 23.05 3.57 -17.56
C GLU A 196 22.87 2.34 -18.44
N VAL A 197 21.69 1.74 -18.36
CA VAL A 197 21.38 0.59 -19.18
C VAL A 197 19.87 0.53 -19.31
N SER A 198 19.39 0.24 -20.51
CA SER A 198 17.97 0.17 -20.76
C SER A 198 17.65 -0.99 -21.69
N TYR A 199 16.38 -1.36 -21.69
CA TYR A 199 15.95 -2.45 -22.53
C TYR A 199 14.45 -2.33 -22.77
N GLU A 200 14.05 -2.67 -23.99
CA GLU A 200 12.66 -2.60 -24.37
C GLU A 200 12.00 -3.92 -24.03
N VAL A 201 10.97 -3.89 -23.21
CA VAL A 201 10.29 -5.12 -22.82
C VAL A 201 8.79 -4.91 -22.62
N ASP A 202 8.00 -5.85 -23.08
CA ASP A 202 6.55 -5.78 -22.92
C ASP A 202 6.23 -6.56 -21.66
N VAL A 203 6.02 -5.86 -20.56
CA VAL A 203 5.74 -6.52 -19.29
C VAL A 203 4.50 -7.42 -19.30
N ARG A 204 3.53 -7.10 -20.14
CA ARG A 204 2.30 -7.90 -20.22
C ARG A 204 2.55 -9.33 -20.63
N SER A 205 3.55 -9.58 -21.46
CA SER A 205 3.84 -10.93 -21.91
C SER A 205 4.83 -11.65 -20.99
N VAL A 206 5.26 -10.96 -19.93
CA VAL A 206 6.20 -11.54 -19.00
C VAL A 206 5.61 -11.76 -17.60
N LEU A 207 4.84 -10.80 -17.12
CA LEU A 207 4.27 -10.88 -15.78
C LEU A 207 2.74 -10.81 -15.73
N PRO A 208 2.14 -11.38 -14.68
CA PRO A 208 0.69 -11.36 -14.51
C PRO A 208 0.23 -9.91 -14.29
N GLU A 209 -1.08 -9.68 -14.23
CA GLU A 209 -1.60 -8.33 -14.04
C GLU A 209 -1.25 -7.73 -12.69
N TRP A 210 -1.26 -8.54 -11.64
CA TRP A 210 -0.91 -8.09 -10.31
C TRP A 210 0.41 -8.71 -9.86
N VAL A 211 1.31 -7.89 -9.36
CA VAL A 211 2.62 -8.37 -8.95
C VAL A 211 3.05 -7.79 -7.61
N ARG A 212 4.25 -8.16 -7.19
CA ARG A 212 4.85 -7.63 -5.98
C ARG A 212 6.27 -7.22 -6.32
N VAL A 213 6.73 -6.15 -5.68
CA VAL A 213 8.06 -5.62 -5.90
C VAL A 213 8.88 -5.71 -4.61
N GLY A 214 10.19 -5.87 -4.77
CA GLY A 214 11.05 -5.97 -3.61
C GLY A 214 12.51 -6.14 -4.00
N PHE A 215 13.33 -6.56 -3.06
CA PHE A 215 14.75 -6.76 -3.33
C PHE A 215 15.20 -8.13 -2.88
N SER A 216 16.29 -8.59 -3.46
CA SER A 216 16.85 -9.87 -3.11
C SER A 216 18.36 -9.76 -3.13
N ALA A 217 19.03 -10.53 -2.28
CA ALA A 217 20.48 -10.52 -2.21
C ALA A 217 20.95 -11.86 -1.70
N ALA A 218 22.19 -12.20 -2.04
CA ALA A 218 22.75 -13.47 -1.61
C ALA A 218 24.28 -13.44 -1.58
N SER A 219 24.85 -14.34 -0.79
CA SER A 219 26.29 -14.49 -0.67
C SER A 219 26.54 -15.99 -0.61
N GLY A 220 27.35 -16.50 -1.55
CA GLY A 220 27.67 -17.91 -1.57
C GLY A 220 28.91 -18.12 -0.72
N GLU A 221 29.99 -18.61 -1.31
CA GLU A 221 31.22 -18.80 -0.55
C GLU A 221 31.91 -17.48 -0.31
N GLN A 222 31.67 -16.52 -1.19
CA GLN A 222 32.22 -15.17 -1.05
C GLN A 222 31.08 -14.36 -0.44
N TYR A 223 31.41 -13.32 0.32
CA TYR A 223 30.38 -12.55 0.99
C TYR A 223 30.61 -11.05 1.10
N GLN A 224 29.53 -10.35 1.41
CA GLN A 224 29.51 -8.90 1.59
C GLN A 224 28.12 -8.58 2.13
N THR A 225 27.99 -7.47 2.82
CA THR A 225 26.68 -7.08 3.32
C THR A 225 25.94 -6.40 2.17
N HIS A 226 24.64 -6.62 2.08
CA HIS A 226 23.83 -5.97 1.05
C HIS A 226 22.82 -5.12 1.81
N THR A 227 23.21 -3.87 2.08
CA THR A 227 22.40 -2.93 2.85
C THR A 227 21.51 -1.98 2.06
N LEU A 228 20.19 -2.20 2.14
CA LEU A 228 19.22 -1.34 1.46
C LEU A 228 18.94 -0.19 2.43
N GLU A 229 19.25 1.03 1.99
CA GLU A 229 19.12 2.22 2.81
C GLU A 229 17.84 3.03 2.68
N SER A 230 17.32 3.13 1.47
CA SER A 230 16.09 3.89 1.23
C SER A 230 15.38 3.36 0.00
N TRP A 231 14.09 3.64 -0.11
CA TRP A 231 13.32 3.16 -1.23
C TRP A 231 11.96 3.83 -1.39
N SER A 232 11.71 4.34 -2.58
CA SER A 232 10.43 4.97 -2.90
C SER A 232 9.95 4.30 -4.18
N PHE A 233 8.64 4.15 -4.30
CA PHE A 233 8.07 3.50 -5.46
C PHE A 233 6.73 4.12 -5.78
N THR A 234 6.45 4.22 -7.07
CA THR A 234 5.19 4.78 -7.52
C THR A 234 4.79 4.11 -8.81
N SER A 235 3.51 3.80 -8.93
CA SER A 235 2.99 3.15 -10.13
C SER A 235 1.64 3.74 -10.50
N THR A 236 1.42 3.95 -11.80
CA THR A 236 0.17 4.51 -12.31
C THR A 236 -0.26 3.85 -13.61
N LEU A 237 -1.47 3.27 -13.63
CA LEU A 237 -1.96 2.64 -14.85
C LEU A 237 -2.26 3.70 -15.93
N LEU A 238 -1.74 3.49 -17.13
CA LEU A 238 -1.97 4.45 -18.21
C LEU A 238 -2.41 3.83 -19.53
N TYR A 239 -3.12 4.64 -20.33
CA TYR A 239 -3.58 4.21 -21.64
C TYR A 239 -2.52 4.74 -22.61
N THR A 240 -1.90 3.85 -23.37
CA THR A 240 -0.86 4.25 -24.31
C THR A 240 -1.39 4.54 -25.71
N ALA A 241 -0.90 5.61 -26.32
N PCA B 1 6.44 2.57 5.79
CA PCA B 1 6.76 3.76 4.96
CB PCA B 1 6.10 3.56 3.60
CG PCA B 1 5.06 2.50 3.80
CD PCA B 1 5.44 1.73 5.05
OE PCA B 1 4.78 0.76 5.43
C PCA B 1 6.27 5.06 5.61
O PCA B 1 5.22 5.07 6.26
N ASP B 2 7.04 6.12 5.45
CA ASP B 2 6.68 7.43 6.00
C ASP B 2 5.52 8.04 5.22
N SER B 3 5.46 7.72 3.94
CA SER B 3 4.40 8.22 3.07
C SER B 3 3.78 7.05 2.30
N LEU B 4 2.47 7.14 2.10
CA LEU B 4 1.71 6.11 1.38
C LEU B 4 0.58 6.78 0.64
N SER B 5 0.33 6.34 -0.58
CA SER B 5 -0.74 6.90 -1.38
C SER B 5 -1.32 5.86 -2.33
N PHE B 6 -2.61 5.97 -2.57
CA PHE B 6 -3.29 5.06 -3.48
C PHE B 6 -4.56 5.72 -3.99
N GLY B 7 -4.96 5.35 -5.21
CA GLY B 7 -6.16 5.93 -5.79
C GLY B 7 -7.06 4.95 -6.50
N PHE B 8 -8.35 5.07 -6.23
CA PHE B 8 -9.36 4.22 -6.86
C PHE B 8 -10.33 5.10 -7.63
N PRO B 9 -10.01 5.44 -8.88
CA PRO B 9 -10.94 6.28 -9.64
C PRO B 9 -12.28 5.54 -9.77
N THR B 10 -12.20 4.21 -9.81
CA THR B 10 -13.38 3.34 -9.86
C THR B 10 -12.96 2.04 -9.17
N PHE B 11 -13.91 1.12 -8.99
CA PHE B 11 -13.62 -0.15 -8.32
C PHE B 11 -13.91 -1.39 -9.16
N PRO B 12 -12.98 -1.76 -10.06
CA PRO B 12 -13.19 -2.95 -10.88
C PRO B 12 -13.31 -4.16 -9.95
N SER B 13 -14.05 -5.18 -10.38
CA SER B 13 -14.24 -6.36 -9.54
C SER B 13 -12.96 -7.11 -9.16
N ASP B 14 -11.90 -6.90 -9.94
CA ASP B 14 -10.64 -7.57 -9.66
C ASP B 14 -9.84 -6.78 -8.62
N GLN B 15 -10.03 -7.11 -7.35
CA GLN B 15 -9.35 -6.41 -6.25
C GLN B 15 -8.42 -7.31 -5.44
N LYS B 16 -7.25 -6.79 -5.09
CA LYS B 16 -6.28 -7.56 -4.32
C LYS B 16 -5.90 -6.91 -3.00
N ASN B 17 -6.03 -5.59 -2.90
CA ASN B 17 -5.63 -4.90 -1.68
C ASN B 17 -6.76 -4.40 -0.78
N LEU B 18 -7.98 -4.91 -0.98
CA LEU B 18 -9.07 -4.51 -0.14
C LEU B 18 -9.48 -5.64 0.78
N ILE B 19 -9.77 -5.30 2.03
CA ILE B 19 -10.23 -6.28 3.00
C ILE B 19 -11.74 -6.06 3.08
N PHE B 20 -12.50 -7.07 2.67
CA PHE B 20 -13.95 -6.98 2.71
C PHE B 20 -14.46 -7.60 4.00
N GLN B 21 -15.40 -6.93 4.65
CA GLN B 21 -15.97 -7.45 5.88
C GLN B 21 -17.49 -7.36 5.76
N GLY B 22 -18.19 -8.29 6.40
CA GLY B 22 -19.64 -8.26 6.33
C GLY B 22 -20.19 -8.50 4.93
N ASP B 23 -21.18 -7.71 4.54
CA ASP B 23 -21.79 -7.88 3.23
C ASP B 23 -21.19 -7.07 2.09
N ALA B 24 -20.15 -6.30 2.39
CA ALA B 24 -19.50 -5.47 1.39
C ALA B 24 -18.97 -6.26 0.19
N GLN B 25 -19.17 -5.73 -1.02
CA GLN B 25 -18.67 -6.39 -2.23
C GLN B 25 -18.68 -5.45 -3.41
N ILE B 26 -17.89 -5.77 -4.42
CA ILE B 26 -17.81 -4.95 -5.63
C ILE B 26 -18.95 -5.30 -6.59
N LYS B 27 -19.59 -4.28 -7.14
CA LYS B 27 -20.68 -4.45 -8.09
C LYS B 27 -20.75 -3.22 -8.99
N ASN B 28 -20.72 -3.46 -10.30
CA ASN B 28 -20.79 -2.39 -11.29
C ASN B 28 -19.73 -1.32 -11.09
N ASN B 29 -18.49 -1.75 -10.85
CA ASN B 29 -17.37 -0.84 -10.66
C ASN B 29 -17.48 0.07 -9.43
N ALA B 30 -18.29 -0.34 -8.47
CA ALA B 30 -18.44 0.44 -7.24
C ALA B 30 -18.50 -0.53 -6.06
N VAL B 31 -18.26 -0.02 -4.87
CA VAL B 31 -18.31 -0.85 -3.68
C VAL B 31 -19.70 -0.72 -3.04
N GLN B 32 -20.45 -1.82 -3.03
CA GLN B 32 -21.75 -1.83 -2.38
C GLN B 32 -21.43 -2.28 -0.97
N LEU B 33 -21.43 -1.34 -0.02
CA LEU B 33 -21.12 -1.66 1.36
C LEU B 33 -22.20 -2.51 2.02
N THR B 34 -23.46 -2.18 1.76
CA THR B 34 -24.57 -2.94 2.32
C THR B 34 -25.18 -3.85 1.27
N LYS B 35 -25.76 -4.96 1.72
CA LYS B 35 -26.38 -5.98 0.87
C LYS B 35 -27.54 -5.49 -0.01
N THR B 36 -27.59 -6.01 -1.24
CA THR B 36 -28.65 -5.66 -2.20
C THR B 36 -29.09 -6.95 -2.89
N ASP B 37 -30.39 -7.06 -3.19
CA ASP B 37 -30.89 -8.25 -3.86
C ASP B 37 -30.40 -8.32 -5.30
N SER B 38 -30.79 -9.39 -6.00
CA SER B 38 -30.39 -9.59 -7.39
C SER B 38 -30.75 -8.42 -8.31
N ASN B 39 -31.79 -7.67 -7.94
CA ASN B 39 -32.20 -6.51 -8.73
C ASN B 39 -31.42 -5.26 -8.36
N GLY B 40 -30.56 -5.37 -7.36
CA GLY B 40 -29.77 -4.23 -6.93
C GLY B 40 -30.49 -3.36 -5.92
N ASN B 41 -31.61 -3.86 -5.41
CA ASN B 41 -32.40 -3.13 -4.42
C ASN B 41 -31.87 -3.40 -3.01
N PRO B 42 -31.81 -2.35 -2.18
CA PRO B 42 -31.32 -2.50 -0.80
C PRO B 42 -32.24 -3.40 0.03
N VAL B 43 -31.65 -4.07 1.02
CA VAL B 43 -32.40 -4.94 1.92
C VAL B 43 -32.08 -4.53 3.36
N ALA B 44 -32.92 -4.93 4.30
CA ALA B 44 -32.69 -4.59 5.70
C ALA B 44 -31.68 -5.52 6.37
N SER B 45 -31.33 -5.21 7.61
CA SER B 45 -30.40 -6.02 8.38
C SER B 45 -29.11 -6.37 7.64
N THR B 46 -28.29 -5.36 7.36
CA THR B 46 -27.04 -5.58 6.65
C THR B 46 -25.94 -4.63 7.12
N VAL B 47 -24.71 -5.14 7.14
CA VAL B 47 -23.56 -4.34 7.55
C VAL B 47 -22.37 -4.74 6.69
N GLY B 48 -21.58 -3.76 6.27
CA GLY B 48 -20.42 -4.06 5.45
C GLY B 48 -19.34 -3.02 5.62
N ARG B 49 -18.09 -3.42 5.45
CA ARG B 49 -16.96 -2.50 5.58
C ARG B 49 -15.81 -2.97 4.70
N ILE B 50 -14.94 -2.04 4.33
CA ILE B 50 -13.75 -2.35 3.54
C ILE B 50 -12.61 -1.59 4.18
N LEU B 51 -11.42 -2.17 4.13
CA LEU B 51 -10.22 -1.55 4.66
C LEU B 51 -9.12 -1.74 3.63
N PHE B 52 -8.22 -0.77 3.53
CA PHE B 52 -7.11 -0.93 2.60
C PHE B 52 -6.19 -1.89 3.36
N SER B 53 -5.61 -2.86 2.66
CA SER B 53 -4.74 -3.84 3.30
C SER B 53 -3.48 -3.28 3.96
N ALA B 54 -2.78 -2.38 3.29
CA ALA B 54 -1.56 -1.80 3.84
C ALA B 54 -1.88 -0.92 5.05
N GLN B 55 -1.08 -1.07 6.10
CA GLN B 55 -1.29 -0.27 7.29
C GLN B 55 -0.67 1.11 7.11
N VAL B 56 -1.34 2.12 7.66
CA VAL B 56 -0.89 3.49 7.58
C VAL B 56 -0.15 3.89 8.85
N HIS B 57 1.00 4.53 8.68
CA HIS B 57 1.77 4.96 9.85
C HIS B 57 1.24 6.35 10.20
N LEU B 58 0.28 6.39 11.12
CA LEU B 58 -0.37 7.62 11.55
C LEU B 58 0.55 8.57 12.34
N TRP B 59 1.33 8.01 13.26
CA TRP B 59 2.27 8.80 14.03
C TRP B 59 3.41 7.92 14.54
N GLU B 60 4.53 8.55 14.87
CA GLU B 60 5.71 7.82 15.31
C GLU B 60 6.24 8.42 16.62
N LYS B 61 6.12 7.64 17.70
CA LYS B 61 6.56 8.07 19.02
C LYS B 61 8.01 8.53 19.09
N SER B 62 8.93 7.61 18.85
CA SER B 62 10.36 7.91 18.91
C SER B 62 10.79 9.03 17.98
N SER B 63 9.88 9.51 17.14
CA SER B 63 10.21 10.55 16.18
C SER B 63 9.49 11.87 16.39
N SER B 64 8.41 11.83 17.18
CA SER B 64 7.62 13.03 17.43
C SER B 64 6.97 13.54 16.14
N ARG B 65 6.75 12.63 15.19
CA ARG B 65 6.11 12.99 13.94
C ARG B 65 4.67 12.52 13.89
N VAL B 66 3.85 13.26 13.16
CA VAL B 66 2.43 12.92 13.01
C VAL B 66 2.10 13.06 11.54
N ALA B 67 1.30 12.14 11.03
CA ALA B 67 0.94 12.16 9.62
C ALA B 67 -0.01 13.28 9.21
N ASN B 68 0.19 13.72 7.98
CA ASN B 68 -0.66 14.72 7.36
C ASN B 68 -1.35 13.85 6.32
N PHE B 69 -2.66 13.69 6.42
CA PHE B 69 -3.34 12.85 5.45
C PHE B 69 -4.56 13.49 4.82
N GLN B 70 -4.93 12.95 3.66
CA GLN B 70 -6.09 13.43 2.92
C GLN B 70 -6.85 12.26 2.34
N SER B 71 -8.17 12.29 2.44
CA SER B 71 -9.01 11.23 1.89
C SER B 71 -10.12 11.89 1.08
N GLN B 72 -10.09 11.66 -0.22
CA GLN B 72 -11.10 12.23 -1.12
C GLN B 72 -11.95 11.06 -1.59
N PHE B 73 -13.27 11.21 -1.54
CA PHE B 73 -14.13 10.12 -1.97
C PHE B 73 -15.53 10.57 -2.33
N SER B 74 -16.23 9.72 -3.07
CA SER B 74 -17.59 10.04 -3.47
C SER B 74 -18.45 8.81 -3.30
N PHE B 75 -19.69 9.04 -2.89
CA PHE B 75 -20.63 7.96 -2.73
C PHE B 75 -22.02 8.46 -3.06
N SER B 76 -22.95 7.53 -3.18
CA SER B 76 -24.34 7.85 -3.44
C SER B 76 -25.21 6.89 -2.65
N LEU B 77 -26.41 7.34 -2.31
CA LEU B 77 -27.35 6.55 -1.53
C LEU B 77 -28.71 6.52 -2.25
N LYS B 78 -29.35 5.37 -2.27
CA LYS B 78 -30.66 5.23 -2.91
C LYS B 78 -31.60 4.37 -2.09
N SER B 79 -32.85 4.78 -2.04
CA SER B 79 -33.87 4.02 -1.33
C SER B 79 -35.27 4.44 -1.75
N PRO B 80 -36.14 3.45 -2.01
CA PRO B 80 -37.51 3.70 -2.42
C PRO B 80 -38.31 4.19 -1.20
N LEU B 81 -37.74 4.00 -0.01
CA LEU B 81 -38.37 4.42 1.23
C LEU B 81 -38.15 5.91 1.44
N SER B 82 -39.01 6.51 2.25
CA SER B 82 -38.91 7.94 2.56
C SER B 82 -37.86 8.18 3.64
N ASN B 83 -37.44 7.11 4.32
CA ASN B 83 -36.46 7.25 5.39
C ASN B 83 -35.32 6.23 5.34
N GLY B 84 -34.57 6.26 4.25
CA GLY B 84 -33.44 5.35 4.11
C GLY B 84 -32.47 5.47 5.27
N ALA B 85 -31.93 4.34 5.70
CA ALA B 85 -31.00 4.27 6.82
C ALA B 85 -29.92 3.24 6.50
N ASP B 86 -28.82 3.22 7.25
CA ASP B 86 -28.57 4.13 8.37
C ASP B 86 -27.50 5.15 8.11
N GLY B 87 -26.65 4.92 7.12
CA GLY B 87 -25.60 5.87 6.83
C GLY B 87 -24.28 5.21 6.49
N ILE B 88 -23.32 6.02 6.05
CA ILE B 88 -22.01 5.53 5.67
C ILE B 88 -20.95 6.32 6.41
N ALA B 89 -19.81 5.70 6.67
CA ALA B 89 -18.75 6.41 7.37
C ALA B 89 -17.35 6.05 6.92
N PHE B 90 -16.49 7.08 6.91
CA PHE B 90 -15.09 6.90 6.59
C PHE B 90 -14.50 6.77 8.00
N PHE B 91 -13.64 5.78 8.24
CA PHE B 91 -13.08 5.65 9.58
C PHE B 91 -11.62 5.23 9.62
N ILE B 92 -11.02 5.46 10.78
CA ILE B 92 -9.63 5.13 11.04
C ILE B 92 -9.63 4.33 12.33
N ALA B 93 -9.11 3.12 12.29
CA ALA B 93 -9.09 2.26 13.47
C ALA B 93 -7.83 1.40 13.53
N PRO B 94 -7.64 0.66 14.64
CA PRO B 94 -6.47 -0.20 14.79
C PRO B 94 -6.51 -1.23 13.66
N PRO B 95 -5.33 -1.73 13.23
CA PRO B 95 -5.20 -2.69 12.15
C PRO B 95 -6.07 -3.95 12.20
N ASP B 96 -6.28 -4.47 13.41
CA ASP B 96 -7.07 -5.69 13.59
C ASP B 96 -8.58 -5.47 13.72
N THR B 97 -9.04 -4.25 13.47
CA THR B 97 -10.46 -3.96 13.59
C THR B 97 -11.37 -4.90 12.77
N THR B 98 -12.46 -5.33 13.39
CA THR B 98 -13.46 -6.19 12.75
C THR B 98 -14.83 -5.64 13.11
N ILE B 99 -15.88 -6.14 12.48
CA ILE B 99 -17.24 -5.67 12.77
C ILE B 99 -17.68 -6.13 14.16
N PRO B 100 -17.98 -5.18 15.06
CA PRO B 100 -18.42 -5.52 16.42
C PRO B 100 -19.73 -6.29 16.39
N SER B 101 -19.91 -7.19 17.37
CA SER B 101 -21.13 -7.96 17.43
C SER B 101 -22.30 -7.03 17.77
N GLY B 102 -23.38 -7.13 17.02
CA GLY B 102 -24.55 -6.30 17.24
C GLY B 102 -24.34 -4.82 16.93
N SER B 103 -23.47 -4.52 15.98
CA SER B 103 -23.18 -3.13 15.61
C SER B 103 -23.97 -2.61 14.41
N GLY B 104 -25.04 -3.30 14.04
CA GLY B 104 -25.83 -2.88 12.90
C GLY B 104 -26.66 -1.62 13.11
N GLY B 105 -27.51 -1.32 12.15
CA GLY B 105 -28.36 -0.15 12.23
C GLY B 105 -27.66 1.15 12.57
N GLY B 106 -28.20 1.86 13.55
CA GLY B 106 -27.64 3.13 13.98
C GLY B 106 -26.20 3.13 14.47
N LEU B 107 -25.66 1.95 14.77
CA LEU B 107 -24.27 1.91 15.24
C LEU B 107 -23.30 1.86 14.06
N LEU B 108 -23.86 1.91 12.85
CA LEU B 108 -23.10 1.93 11.60
C LEU B 108 -21.99 0.89 11.43
N GLY B 109 -22.03 -0.18 12.21
CA GLY B 109 -21.02 -1.22 12.09
C GLY B 109 -19.69 -0.83 12.70
N LEU B 110 -19.68 0.25 13.49
CA LEU B 110 -18.46 0.72 14.13
C LEU B 110 -18.41 0.48 15.63
N PHE B 111 -19.56 0.52 16.30
CA PHE B 111 -19.58 0.33 17.74
C PHE B 111 -20.48 -0.79 18.23
N ALA B 112 -20.09 -1.36 19.37
CA ALA B 112 -20.85 -2.41 20.02
C ALA B 112 -21.87 -1.69 20.89
N PRO B 113 -23.09 -2.23 21.01
CA PRO B 113 -24.14 -1.60 21.81
C PRO B 113 -23.73 -1.26 23.23
N GLY B 114 -23.07 -2.19 23.89
CA GLY B 114 -22.65 -1.96 25.26
C GLY B 114 -21.74 -0.76 25.51
N THR B 115 -20.82 -0.49 24.58
CA THR B 115 -19.90 0.62 24.76
C THR B 115 -19.96 1.71 23.69
N ALA B 116 -21.03 1.73 22.91
CA ALA B 116 -21.20 2.70 21.84
C ALA B 116 -20.91 4.14 22.25
N GLN B 117 -21.14 4.47 23.52
CA GLN B 117 -20.89 5.82 23.98
C GLN B 117 -19.83 5.92 25.07
N ASN B 118 -19.09 4.84 25.29
CA ASN B 118 -18.03 4.80 26.28
C ASN B 118 -16.71 5.09 25.54
N THR B 119 -16.30 6.35 25.50
CA THR B 119 -15.09 6.74 24.79
C THR B 119 -13.84 5.99 25.23
N SER B 120 -13.82 5.54 26.48
CA SER B 120 -12.67 4.82 27.00
C SER B 120 -12.66 3.37 26.52
N ALA B 121 -13.74 2.95 25.88
CA ALA B 121 -13.83 1.58 25.40
C ALA B 121 -13.55 1.43 23.91
N ASN B 122 -13.40 2.56 23.21
CA ASN B 122 -13.18 2.52 21.77
C ASN B 122 -11.92 3.25 21.29
N GLN B 123 -11.46 2.85 20.10
CA GLN B 123 -10.31 3.45 19.44
C GLN B 123 -10.70 3.66 17.99
N VAL B 124 -11.33 4.78 17.71
CA VAL B 124 -11.79 5.05 16.36
C VAL B 124 -12.12 6.52 16.10
N ILE B 125 -11.82 6.97 14.89
CA ILE B 125 -12.14 8.32 14.45
C ILE B 125 -12.88 8.09 13.15
N ALA B 126 -14.09 8.65 13.04
CA ALA B 126 -14.88 8.48 11.84
C ALA B 126 -15.68 9.71 11.47
N VAL B 127 -15.92 9.87 10.18
CA VAL B 127 -16.73 10.95 9.67
C VAL B 127 -17.97 10.25 9.14
N GLU B 128 -19.10 10.49 9.79
CA GLU B 128 -20.33 9.84 9.38
C GLU B 128 -21.28 10.73 8.61
N PHE B 129 -22.05 10.09 7.73
CA PHE B 129 -23.07 10.75 6.94
C PHE B 129 -24.27 9.94 7.38
N ASP B 130 -24.94 10.48 8.40
CA ASP B 130 -26.06 9.84 9.05
C ASP B 130 -27.41 10.32 8.54
N THR B 131 -28.19 9.40 7.99
CA THR B 131 -29.49 9.75 7.42
C THR B 131 -30.70 9.35 8.26
N PHE B 132 -30.47 8.54 9.30
CA PHE B 132 -31.57 8.08 10.15
C PHE B 132 -31.37 8.62 11.55
N TYR B 133 -32.35 9.37 12.05
CA TYR B 133 -32.25 9.98 13.37
C TYR B 133 -33.47 9.81 14.28
N ALA B 134 -34.29 8.78 14.05
CA ALA B 134 -35.46 8.56 14.90
C ALA B 134 -35.07 8.73 16.36
N GLN B 135 -35.65 9.73 17.02
CA GLN B 135 -35.34 10.03 18.40
C GLN B 135 -35.63 8.93 19.42
N ASP B 136 -36.33 7.89 18.99
CA ASP B 136 -36.66 6.78 19.89
C ASP B 136 -35.63 5.67 19.83
N SER B 137 -34.89 5.57 18.72
CA SER B 137 -33.87 4.54 18.58
C SER B 137 -32.47 5.14 18.59
N ASN B 138 -32.27 6.18 17.81
CA ASN B 138 -30.96 6.83 17.76
C ASN B 138 -31.04 8.07 18.65
N THR B 139 -31.23 7.82 19.95
CA THR B 139 -31.35 8.88 20.93
C THR B 139 -30.18 9.85 20.95
N TRP B 140 -29.00 9.35 20.58
CA TRP B 140 -27.78 10.15 20.56
C TRP B 140 -27.69 11.18 19.42
N ASP B 141 -28.53 11.05 18.40
CA ASP B 141 -28.48 11.99 17.26
C ASP B 141 -29.35 13.23 17.37
N PRO B 142 -28.97 14.28 16.64
CA PRO B 142 -29.72 15.53 16.61
C PRO B 142 -30.95 15.14 15.78
N ASN B 143 -32.02 15.92 15.82
CA ASN B 143 -33.22 15.55 15.07
C ASN B 143 -33.25 15.96 13.59
N TYR B 144 -32.34 15.40 12.80
CA TYR B 144 -32.24 15.67 11.36
C TYR B 144 -31.00 15.01 10.74
N PRO B 145 -31.02 14.76 9.41
CA PRO B 145 -29.87 14.14 8.75
C PRO B 145 -28.66 15.04 8.94
N HIS B 146 -27.48 14.44 9.14
CA HIS B 146 -26.30 15.25 9.40
C HIS B 146 -24.98 14.57 9.08
N ILE B 147 -23.93 15.36 9.13
CA ILE B 147 -22.56 14.90 8.93
C ILE B 147 -22.00 15.01 10.35
N GLY B 148 -21.31 13.98 10.81
CA GLY B 148 -20.76 14.04 12.15
C GLY B 148 -19.35 13.51 12.28
N ILE B 149 -18.62 14.06 13.25
CA ILE B 149 -17.26 13.63 13.52
C ILE B 149 -17.34 12.81 14.79
N ASP B 150 -16.94 11.54 14.68
CA ASP B 150 -16.98 10.62 15.80
C ASP B 150 -15.61 10.28 16.33
N VAL B 151 -15.43 10.47 17.63
CA VAL B 151 -14.16 10.17 18.30
C VAL B 151 -14.44 9.26 19.49
N ASN B 152 -14.31 7.95 19.26
CA ASN B 152 -14.53 6.91 20.25
C ASN B 152 -15.97 6.79 20.78
N SER B 153 -16.92 7.36 20.04
CA SER B 153 -18.33 7.32 20.44
C SER B 153 -19.27 7.56 19.26
N ILE B 154 -20.43 6.89 19.27
CA ILE B 154 -21.41 7.04 18.22
C ILE B 154 -22.11 8.40 18.37
N ARG B 155 -21.91 9.02 19.53
CA ARG B 155 -22.47 10.33 19.80
C ARG B 155 -21.41 11.30 19.30
N SER B 156 -21.65 11.87 18.13
CA SER B 156 -20.71 12.78 17.51
C SER B 156 -20.23 13.91 18.41
N VAL B 157 -18.94 14.24 18.33
CA VAL B 157 -18.39 15.33 19.15
C VAL B 157 -18.84 16.62 18.48
N LYS B 158 -19.32 16.49 17.25
CA LYS B 158 -19.78 17.63 16.48
C LYS B 158 -20.62 17.19 15.28
N THR B 159 -21.65 17.96 14.94
CA THR B 159 -22.48 17.64 13.78
C THR B 159 -22.92 18.93 13.10
N VAL B 160 -23.22 18.81 11.81
CA VAL B 160 -23.73 19.94 11.04
C VAL B 160 -24.85 19.37 10.21
N LYS B 161 -25.89 20.18 9.96
CA LYS B 161 -27.04 19.74 9.20
C LYS B 161 -26.63 19.38 7.78
N TRP B 162 -27.17 18.25 7.30
CA TRP B 162 -26.86 17.77 5.97
C TRP B 162 -28.14 17.38 5.26
N ASP B 163 -28.14 17.53 3.94
CA ASP B 163 -29.31 17.19 3.15
C ASP B 163 -29.02 15.92 2.36
N ARG B 164 -29.88 14.91 2.53
CA ARG B 164 -29.76 13.64 1.81
C ARG B 164 -30.41 13.78 0.44
N ARG B 165 -29.69 13.43 -0.62
CA ARG B 165 -30.24 13.53 -1.97
C ARG B 165 -30.15 12.16 -2.64
N ASP B 166 -31.29 11.50 -2.76
CA ASP B 166 -31.35 10.17 -3.33
C ASP B 166 -30.68 10.07 -4.71
N GLY B 167 -29.84 9.06 -4.85
CA GLY B 167 -29.16 8.84 -6.12
C GLY B 167 -28.20 9.92 -6.61
N GLN B 168 -27.82 10.85 -5.75
CA GLN B 168 -26.87 11.88 -6.17
C GLN B 168 -25.54 11.71 -5.47
N SER B 169 -24.45 11.77 -6.22
CA SER B 169 -23.12 11.60 -5.65
C SER B 169 -22.67 12.80 -4.83
N LEU B 170 -22.10 12.49 -3.66
CA LEU B 170 -21.58 13.51 -2.77
C LEU B 170 -20.06 13.36 -2.81
N ASN B 171 -19.35 14.46 -3.07
CA ASN B 171 -17.89 14.42 -3.08
C ASN B 171 -17.39 14.94 -1.75
N VAL B 172 -16.53 14.15 -1.11
CA VAL B 172 -16.01 14.50 0.20
C VAL B 172 -14.49 14.57 0.27
N LEU B 173 -13.98 15.58 0.97
CA LEU B 173 -12.55 15.72 1.20
C LEU B 173 -12.34 15.81 2.70
N VAL B 174 -11.60 14.85 3.26
CA VAL B 174 -11.30 14.82 4.70
C VAL B 174 -9.78 14.97 4.82
N THR B 175 -9.35 16.00 5.53
CA THR B 175 -7.92 16.25 5.69
C THR B 175 -7.57 16.47 7.15
N PHE B 176 -6.34 16.10 7.51
CA PHE B 176 -5.85 16.29 8.87
C PHE B 176 -4.49 17.00 8.81
N ASN B 177 -4.39 18.14 9.48
CA ASN B 177 -3.17 18.91 9.52
C ASN B 177 -2.59 18.74 10.93
N PRO B 178 -1.43 18.06 11.05
CA PRO B 178 -0.79 17.83 12.35
C PRO B 178 -0.32 19.09 13.10
N SER B 179 -0.06 20.17 12.37
CA SER B 179 0.38 21.42 13.00
C SER B 179 -0.73 22.03 13.84
N THR B 180 -1.91 22.15 13.24
CA THR B 180 -3.06 22.73 13.90
C THR B 180 -3.93 21.66 14.56
N ARG B 181 -3.64 20.40 14.30
CA ARG B 181 -4.41 19.29 14.83
C ARG B 181 -5.88 19.41 14.41
N ASN B 182 -6.10 20.02 13.26
CA ASN B 182 -7.44 20.19 12.71
C ASN B 182 -7.85 19.10 11.73
N LEU B 183 -9.01 18.52 11.98
CA LEU B 183 -9.57 17.52 11.10
C LEU B 183 -10.68 18.29 10.38
N ASP B 184 -10.48 18.53 9.09
CA ASP B 184 -11.46 19.27 8.30
C ASP B 184 -12.25 18.36 7.37
N VAL B 185 -13.53 18.68 7.23
CA VAL B 185 -14.41 17.93 6.34
C VAL B 185 -15.12 18.89 5.40
N VAL B 186 -15.01 18.64 4.10
CA VAL B 186 -15.67 19.46 3.10
C VAL B 186 -16.42 18.51 2.17
N ALA B 187 -17.73 18.72 2.02
CA ALA B 187 -18.53 17.85 1.17
C ALA B 187 -19.37 18.70 0.22
N THR B 188 -19.51 18.24 -1.01
CA THR B 188 -20.28 18.97 -2.00
C THR B 188 -21.10 18.09 -2.95
N TYR B 189 -22.23 18.63 -3.41
CA TYR B 189 -23.06 17.96 -4.39
C TYR B 189 -22.68 18.64 -5.71
N SER B 190 -22.96 18.01 -6.84
CA SER B 190 -22.60 18.57 -8.14
C SER B 190 -23.16 19.97 -8.48
N ASP B 191 -24.14 20.44 -7.72
CA ASP B 191 -24.74 21.74 -7.98
C ASP B 191 -24.06 22.85 -7.18
N GLY B 192 -23.02 22.49 -6.44
CA GLY B 192 -22.30 23.47 -5.65
C GLY B 192 -22.66 23.52 -4.17
N THR B 193 -23.78 22.91 -3.79
CA THR B 193 -24.20 22.92 -2.39
C THR B 193 -23.05 22.38 -1.54
N ARG B 194 -22.64 23.15 -0.55
CA ARG B 194 -21.50 22.79 0.27
C ARG B 194 -21.70 22.67 1.78
N TYR B 195 -21.02 21.69 2.38
CA TYR B 195 -21.10 21.47 3.82
C TYR B 195 -19.68 21.41 4.38
N GLU B 196 -19.47 22.05 5.53
CA GLU B 196 -18.16 22.06 6.17
C GLU B 196 -18.28 21.88 7.67
N VAL B 197 -17.30 21.19 8.24
CA VAL B 197 -17.26 20.95 9.67
C VAL B 197 -15.80 20.65 10.01
N SER B 198 -15.32 21.24 11.09
CA SER B 198 -13.95 21.06 11.51
C SER B 198 -13.85 20.76 13.01
N TYR B 199 -12.81 20.06 13.41
CA TYR B 199 -12.64 19.71 14.82
C TYR B 199 -11.17 19.48 15.16
N GLU B 200 -10.75 20.02 16.30
CA GLU B 200 -9.38 19.87 16.75
C GLU B 200 -9.20 18.62 17.59
N VAL B 201 -8.33 17.73 17.14
CA VAL B 201 -8.08 16.50 17.87
C VAL B 201 -6.64 16.03 17.68
N ASP B 202 -6.04 15.55 18.76
CA ASP B 202 -4.69 15.04 18.69
C ASP B 202 -4.87 13.54 18.50
N VAL B 203 -4.61 13.06 17.28
CA VAL B 203 -4.78 11.65 16.98
C VAL B 203 -3.91 10.70 17.80
N ARG B 204 -2.78 11.21 18.30
CA ARG B 204 -1.86 10.40 19.09
C ARG B 204 -2.48 9.90 20.39
N SER B 205 -3.43 10.66 20.94
CA SER B 205 -4.07 10.25 22.18
C SER B 205 -5.29 9.39 21.94
N VAL B 206 -5.61 9.12 20.68
CA VAL B 206 -6.78 8.33 20.34
C VAL B 206 -6.48 7.02 19.60
N LEU B 207 -5.53 7.07 18.68
CA LEU B 207 -5.21 5.89 17.88
C LEU B 207 -3.76 5.43 18.00
N PRO B 208 -3.51 4.14 17.76
CA PRO B 208 -2.16 3.58 17.84
C PRO B 208 -1.33 4.17 16.69
N GLU B 209 -0.02 3.96 16.72
CA GLU B 209 0.87 4.47 15.68
C GLU B 209 0.54 3.97 14.27
N TRP B 210 0.13 2.70 14.17
CA TRP B 210 -0.23 2.13 12.88
C TRP B 210 -1.72 1.84 12.88
N VAL B 211 -2.36 2.20 11.78
CA VAL B 211 -3.81 2.00 11.65
C VAL B 211 -4.20 1.62 10.25
N ARG B 212 -5.46 1.27 10.08
CA ARG B 212 -6.00 0.96 8.76
C ARG B 212 -7.15 1.94 8.54
N VAL B 213 -7.39 2.28 7.29
CA VAL B 213 -8.45 3.20 6.94
C VAL B 213 -9.45 2.50 6.04
N GLY B 214 -10.71 2.92 6.10
CA GLY B 214 -11.72 2.30 5.28
C GLY B 214 -13.09 2.92 5.46
N PHE B 215 -14.12 2.20 5.01
CA PHE B 215 -15.49 2.68 5.13
C PHE B 215 -16.40 1.64 5.75
N SER B 216 -17.46 2.12 6.38
CA SER B 216 -18.44 1.24 7.02
C SER B 216 -19.83 1.78 6.74
N ALA B 217 -20.80 0.88 6.63
CA ALA B 217 -22.18 1.27 6.39
C ALA B 217 -23.09 0.17 6.92
N ALA B 218 -24.32 0.54 7.25
CA ALA B 218 -25.28 -0.42 7.77
C ALA B 218 -26.71 0.05 7.56
N SER B 219 -27.63 -0.91 7.62
CA SER B 219 -29.06 -0.67 7.49
C SER B 219 -29.77 -1.58 8.48
N GLY B 220 -30.65 -1.00 9.30
CA GLY B 220 -31.39 -1.81 10.25
C GLY B 220 -32.75 -2.16 9.64
N GLU B 221 -33.83 -1.68 10.24
CA GLU B 221 -35.15 -1.94 9.70
C GLU B 221 -35.38 -1.09 8.45
N GLN B 222 -34.77 0.09 8.43
CA GLN B 222 -34.87 0.97 7.27
C GLN B 222 -33.60 0.70 6.46
N TYR B 223 -33.69 0.84 5.15
CA TYR B 223 -32.54 0.55 4.31
C TYR B 223 -32.33 1.47 3.13
N GLN B 224 -31.17 1.32 2.52
CA GLN B 224 -30.76 2.10 1.36
C GLN B 224 -29.41 1.55 0.93
N THR B 225 -29.04 1.77 -0.32
CA THR B 225 -27.74 1.32 -0.79
C THR B 225 -26.73 2.36 -0.34
N HIS B 226 -25.50 1.92 -0.05
CA HIS B 226 -24.42 2.82 0.35
C HIS B 226 -23.33 2.46 -0.65
N THR B 227 -23.29 3.21 -1.74
CA THR B 227 -22.34 2.94 -2.81
C THR B 227 -21.11 3.85 -2.84
N LEU B 228 -19.95 3.28 -2.57
CA LEU B 228 -18.70 4.01 -2.60
C LEU B 228 -18.27 3.99 -4.07
N GLU B 229 -18.18 5.17 -4.68
CA GLU B 229 -17.83 5.27 -6.09
C GLU B 229 -16.35 5.49 -6.41
N SER B 230 -15.65 6.25 -5.58
CA SER B 230 -14.22 6.48 -5.81
C SER B 230 -13.55 6.80 -4.49
N TRP B 231 -12.23 6.65 -4.46
CA TRP B 231 -11.47 6.92 -3.25
C TRP B 231 -9.97 7.05 -3.51
N SER B 232 -9.38 8.14 -3.01
CA SER B 232 -7.95 8.37 -3.14
C SER B 232 -7.50 8.76 -1.74
N PHE B 233 -6.33 8.27 -1.34
CA PHE B 233 -5.82 8.56 -0.03
C PHE B 233 -4.31 8.77 -0.05
N THR B 234 -3.83 9.66 0.80
CA THR B 234 -2.41 9.94 0.89
C THR B 234 -2.09 10.43 2.29
N SER B 235 -0.92 10.02 2.79
CA SER B 235 -0.47 10.42 4.10
C SER B 235 1.05 10.47 4.14
N THR B 236 1.57 11.44 4.87
CA THR B 236 3.01 11.64 5.01
C THR B 236 3.33 12.08 6.42
N LEU B 237 4.34 11.45 7.03
CA LEU B 237 4.74 11.81 8.37
C LEU B 237 5.48 13.14 8.35
N LEU B 238 5.08 14.05 9.24
CA LEU B 238 5.71 15.36 9.33
C LEU B 238 6.11 15.68 10.77
N TYR B 239 7.04 16.61 10.92
CA TYR B 239 7.53 17.01 12.23
C TYR B 239 6.55 18.01 12.86
N THR B 240 6.29 17.86 14.15
CA THR B 240 5.38 18.75 14.86
C THR B 240 5.88 19.00 16.29
C1 MMA C . 34.67 -19.95 -5.58
C2 MMA C . 33.19 -19.74 -5.92
C3 MMA C . 32.35 -20.90 -5.35
C4 MMA C . 32.91 -22.24 -5.87
C5 MMA C . 34.41 -22.35 -5.53
C6 MMA C . 35.03 -23.60 -6.10
C7 MMA C . 36.20 -19.93 -3.73
O1 MMA C . 34.85 -19.93 -4.20
O2 MMA C . 33.03 -19.68 -7.34
O3 MMA C . 30.98 -20.77 -5.74
O4 MMA C . 32.20 -23.31 -5.27
O5 MMA C . 35.12 -21.22 -6.09
O6 MMA C . 34.62 -23.81 -7.44
C1 MAN C . 30.09 -20.40 -4.72
C2 MAN C . 28.64 -20.52 -5.22
C3 MAN C . 28.39 -19.47 -6.32
C4 MAN C . 28.73 -18.06 -5.82
C5 MAN C . 30.17 -18.04 -5.25
C6 MAN C . 30.52 -16.72 -4.60
O2 MAN C . 27.75 -20.32 -4.16
O3 MAN C . 27.03 -19.52 -6.72
O4 MAN C . 28.64 -17.16 -6.90
O5 MAN C . 30.33 -19.07 -4.25
O6 MAN C . 29.84 -16.55 -3.37
MN MN D . 25.19 -11.19 -13.62
CA CA E . 27.26 -13.26 -10.67
C1 MAN F . -33.66 -0.35 14.01
C2 MAN F . -32.29 -0.37 14.72
C3 MAN F . -31.64 1.02 14.72
C4 MAN F . -31.66 1.67 13.32
C5 MAN F . -33.08 1.58 12.72
C6 MAN F . -33.15 2.10 11.29
O1 MAN F . -34.55 0.45 14.72
O2 MAN F . -31.44 -1.30 14.08
O3 MAN F . -30.29 0.91 15.14
O4 MAN F . -31.27 3.03 13.42
O5 MAN F . -33.53 0.21 12.69
O6 MAN F . -32.55 1.21 10.37
CA CA G . -28.30 7.70 13.15
MN MN H . -25.26 10.46 14.01
#